data_7KJP
#
_entry.id   7KJP
#
_cell.length_a   1.00
_cell.length_b   1.00
_cell.length_c   1.00
_cell.angle_alpha   90.00
_cell.angle_beta   90.00
_cell.angle_gamma   90.00
#
_symmetry.space_group_name_H-M   'P 1'
#
_entity_poly.entity_id   1
_entity_poly.type   'polypeptide(L)'
_entity_poly.pdbx_seq_one_letter_code
;MMMASKDATSSVDGASGAGQLVPEVNASDPLAMDPVAGSSTAVATAGQVNPIDPWIINNFVQAPQGEFTISPNNTPGDVL
FDLSLGPHLNPFLLHLSQMYNGWVGNMRVRIMLAGCAFTAGKIIVSCIPPGFGSHNLTIAQATLFPHVIADVRTLDPIEV
PLEDVRNVLFHNNDRNQQTMRLVCMLYTPLRTCGGTGDSFVVAGRVMTCPSPDFNFLFLVPPTVEQKTRPFTLPNLPLSS
LSNSRAPLPISSMGISPDNVQSVQFQNGRCTLDGRLVGTTPVSLSHVAKIRGTSNGTVINLTELDGTPFHPFEGPAPIGF
PDLGGCDWHINMTQFGHSSQTQYDVDTTPDTFVPHLGSIQANGIGSGNYVGVLSWISPPSHPSGSQVDLWKIPNYGSSIT
EATHLAPSVYPPGFGEVLVFFMSKMPGPGAYNLPCLLPQEYISHLASEQAPTVGEAALLHYVDPDTGRNLGEFKAYPDGF
LTCVPNGASSGPQQLPINGVFVFVSWVSRFYQLKPVGTASSARGRLGLRR
;
_entity_poly.pdbx_strand_id   A,B,C
#
# COMPACT_ATOMS: atom_id res chain seq x y z
N GLN A 48 -19.43 1.16 -6.01
CA GLN A 48 -18.90 2.36 -5.37
C GLN A 48 -18.26 2.02 -4.03
N VAL A 49 -17.04 2.49 -3.81
CA VAL A 49 -16.30 2.26 -2.58
C VAL A 49 -15.97 3.62 -1.97
N ASN A 50 -16.34 3.79 -0.70
CA ASN A 50 -16.09 5.04 0.02
C ASN A 50 -15.54 4.71 1.40
N PRO A 51 -14.22 4.57 1.52
CA PRO A 51 -13.61 4.25 2.82
C PRO A 51 -13.54 5.43 3.79
N ILE A 52 -14.20 6.55 3.49
CA ILE A 52 -14.18 7.72 4.36
C ILE A 52 -15.40 7.66 5.27
N ASP A 53 -15.18 7.87 6.56
CA ASP A 53 -16.27 7.83 7.53
C ASP A 53 -17.27 8.94 7.21
N PRO A 54 -18.57 8.64 7.19
CA PRO A 54 -19.55 9.72 6.94
C PRO A 54 -19.49 10.83 7.96
N TRP A 55 -19.04 10.54 9.18
CA TRP A 55 -18.92 11.60 10.19
C TRP A 55 -17.88 12.64 9.77
N ILE A 56 -16.77 12.19 9.17
CA ILE A 56 -15.70 13.11 8.82
C ILE A 56 -16.19 14.17 7.84
N ILE A 57 -16.90 13.74 6.80
CA ILE A 57 -17.37 14.68 5.79
C ILE A 57 -18.38 15.66 6.38
N ASN A 58 -19.06 15.26 7.46
CA ASN A 58 -20.07 16.09 8.09
C ASN A 58 -19.52 16.98 9.20
N ASN A 59 -18.22 16.94 9.46
CA ASN A 59 -17.62 17.74 10.51
C ASN A 59 -16.35 18.41 9.99
N PHE A 60 -16.01 19.54 10.58
CA PHE A 60 -14.82 20.30 10.23
C PHE A 60 -13.80 20.20 11.35
N VAL A 61 -12.54 20.00 10.98
CA VAL A 61 -11.45 19.83 11.93
C VAL A 61 -10.33 20.79 11.58
N GLN A 62 -9.73 21.40 12.60
CA GLN A 62 -8.65 22.35 12.38
C GLN A 62 -7.48 21.67 11.69
N ALA A 63 -6.84 22.40 10.77
CA ALA A 63 -5.71 21.86 10.02
C ALA A 63 -4.39 22.29 10.66
N PRO A 64 -3.41 21.41 10.76
CA PRO A 64 -2.11 21.83 11.32
C PRO A 64 -1.48 22.93 10.47
N GLN A 65 -0.76 23.82 11.14
CA GLN A 65 -0.12 24.96 10.50
C GLN A 65 -1.15 25.89 9.85
N GLY A 66 -2.39 25.85 10.31
CA GLY A 66 -3.43 26.68 9.75
C GLY A 66 -3.73 27.91 10.60
N GLU A 67 -2.80 28.25 11.49
CA GLU A 67 -2.97 29.39 12.39
C GLU A 67 -2.25 30.60 11.79
N PHE A 68 -3.00 31.68 11.58
CA PHE A 68 -2.46 32.92 11.05
C PHE A 68 -2.95 34.09 11.88
N THR A 69 -2.09 35.10 12.01
CA THR A 69 -2.39 36.28 12.81
C THR A 69 -2.30 37.52 11.94
N ILE A 70 -3.20 38.47 12.19
CA ILE A 70 -3.25 39.74 11.48
C ILE A 70 -2.88 40.85 12.44
N SER A 71 -1.90 41.67 12.07
CA SER A 71 -1.42 42.74 12.91
C SER A 71 -1.72 44.10 12.27
N PRO A 72 -1.90 45.15 13.07
CA PRO A 72 -2.15 46.47 12.49
C PRO A 72 -1.02 46.98 11.61
N ASN A 73 0.20 46.46 11.77
CA ASN A 73 1.33 46.88 10.96
C ASN A 73 1.38 46.16 9.62
N ASN A 74 0.48 45.23 9.36
CA ASN A 74 0.48 44.50 8.09
C ASN A 74 -0.04 45.40 6.98
N THR A 75 0.83 45.70 6.02
CA THR A 75 0.44 46.53 4.89
C THR A 75 -0.60 45.81 4.04
N PRO A 76 -1.54 46.54 3.44
CA PRO A 76 -2.54 45.90 2.59
C PRO A 76 -1.89 45.13 1.44
N GLY A 77 -2.47 43.98 1.12
CA GLY A 77 -1.93 43.12 0.07
C GLY A 77 -0.89 42.13 0.54
N ASP A 78 -0.45 42.21 1.79
CA ASP A 78 0.52 41.26 2.31
C ASP A 78 -0.11 39.88 2.41
N VAL A 79 0.71 38.86 2.16
CA VAL A 79 0.25 37.48 2.20
C VAL A 79 0.27 37.00 3.65
N LEU A 80 -0.90 36.66 4.17
CA LEU A 80 -0.99 36.16 5.54
C LEU A 80 -0.55 34.71 5.63
N PHE A 81 -1.26 33.82 4.93
CA PHE A 81 -0.90 32.41 4.87
C PHE A 81 -1.14 31.90 3.45
N ASP A 82 -0.23 31.04 2.98
CA ASP A 82 -0.32 30.45 1.65
C ASP A 82 -0.16 28.92 1.79
N LEU A 83 -1.27 28.25 2.04
CA LEU A 83 -1.29 26.80 2.24
C LEU A 83 -1.82 26.13 0.98
N SER A 84 -1.10 25.11 0.53
CA SER A 84 -1.50 24.38 -0.67
C SER A 84 -2.60 23.38 -0.31
N LEU A 85 -3.75 23.51 -0.97
CA LEU A 85 -4.87 22.62 -0.68
C LEU A 85 -4.47 21.17 -0.95
N GLY A 86 -4.86 20.29 -0.05
CA GLY A 86 -4.57 18.88 -0.17
C GLY A 86 -5.04 18.09 1.03
N PRO A 87 -4.98 16.76 0.93
CA PRO A 87 -5.43 15.93 2.07
C PRO A 87 -4.63 16.16 3.33
N HIS A 88 -3.38 16.62 3.21
CA HIS A 88 -2.55 16.83 4.39
C HIS A 88 -3.08 17.95 5.29
N LEU A 89 -3.97 18.80 4.80
CA LEU A 89 -4.54 19.84 5.63
C LEU A 89 -5.30 19.25 6.80
N ASN A 90 -6.22 18.33 6.52
CA ASN A 90 -7.01 17.73 7.58
C ASN A 90 -6.16 16.72 8.35
N PRO A 91 -6.15 16.77 9.70
CA PRO A 91 -5.46 15.71 10.44
C PRO A 91 -5.97 14.32 10.09
N PHE A 92 -7.28 14.19 9.91
CA PHE A 92 -7.82 13.01 9.26
C PHE A 92 -7.56 13.08 7.77
N LEU A 93 -7.48 11.91 7.14
CA LEU A 93 -7.08 11.72 5.75
C LEU A 93 -5.59 11.93 5.55
N LEU A 94 -4.85 12.35 6.57
CA LEU A 94 -3.40 12.35 6.51
C LEU A 94 -2.86 10.99 6.92
N HIS A 95 -3.33 10.46 8.05
CA HIS A 95 -3.01 9.08 8.41
C HIS A 95 -3.58 8.12 7.38
N LEU A 96 -4.81 8.35 6.94
CA LEU A 96 -5.45 7.45 5.98
C LEU A 96 -4.77 7.54 4.62
N SER A 97 -4.33 8.74 4.23
CA SER A 97 -3.71 8.89 2.92
C SER A 97 -2.46 8.03 2.76
N GLN A 98 -1.83 7.63 3.86
CA GLN A 98 -0.67 6.75 3.75
C GLN A 98 -1.03 5.45 3.06
N MET A 99 -2.29 5.01 3.16
CA MET A 99 -2.71 3.81 2.45
C MET A 99 -2.61 3.99 0.95
N TYR A 100 -3.08 5.13 0.44
CA TYR A 100 -3.20 5.36 -0.99
C TYR A 100 -2.16 6.36 -1.46
N ASN A 101 -2.14 6.58 -2.76
CA ASN A 101 -1.24 7.56 -3.37
C ASN A 101 -1.97 8.56 -4.25
N GLY A 102 -3.05 8.13 -4.92
CA GLY A 102 -3.83 9.01 -5.78
C GLY A 102 -5.19 9.28 -5.15
N TRP A 103 -5.62 10.53 -5.24
CA TRP A 103 -6.91 10.96 -4.70
C TRP A 103 -7.58 11.91 -5.67
N VAL A 104 -8.90 11.97 -5.59
CA VAL A 104 -9.70 12.81 -6.47
C VAL A 104 -10.71 13.59 -5.63
N GLY A 105 -11.22 14.67 -6.23
CA GLY A 105 -12.23 15.49 -5.60
C GLY A 105 -11.64 16.72 -4.93
N ASN A 106 -12.53 17.53 -4.37
CA ASN A 106 -12.19 18.75 -3.68
C ASN A 106 -12.46 18.61 -2.20
N MET A 107 -12.15 19.66 -1.45
CA MET A 107 -12.27 19.66 0.01
C MET A 107 -12.62 21.07 0.48
N ARG A 108 -13.73 21.18 1.20
CA ARG A 108 -14.19 22.49 1.65
C ARG A 108 -13.24 23.06 2.70
N VAL A 109 -13.08 24.38 2.68
CA VAL A 109 -12.25 25.10 3.63
C VAL A 109 -13.03 26.28 4.17
N ARG A 110 -13.03 26.45 5.49
CA ARG A 110 -13.69 27.58 6.13
C ARG A 110 -12.72 28.19 7.15
N ILE A 111 -12.81 29.51 7.30
CA ILE A 111 -11.88 30.26 8.14
C ILE A 111 -12.68 31.05 9.17
N MET A 112 -12.13 31.14 10.38
CA MET A 112 -12.71 31.92 11.47
C MET A 112 -11.78 33.08 11.80
N LEU A 113 -12.37 34.24 12.07
CA LEU A 113 -11.63 35.42 12.50
C LEU A 113 -12.06 35.78 13.91
N ALA A 114 -11.18 35.53 14.88
CA ALA A 114 -11.45 35.84 16.29
C ALA A 114 -11.08 37.30 16.55
N GLY A 115 -11.84 38.19 15.93
CA GLY A 115 -11.60 39.62 16.01
C GLY A 115 -12.73 40.32 16.76
N CYS A 116 -12.34 41.18 17.70
CA CYS A 116 -13.28 41.99 18.45
C CYS A 116 -13.70 43.21 17.64
N ALA A 117 -14.70 43.92 18.14
CA ALA A 117 -15.09 45.17 17.52
C ALA A 117 -13.98 46.21 17.71
N PHE A 118 -14.22 47.40 17.16
CA PHE A 118 -13.35 48.57 17.22
C PHE A 118 -12.21 48.44 16.23
N THR A 119 -12.06 47.30 15.56
CA THR A 119 -11.07 47.12 14.50
C THR A 119 -11.82 46.73 13.23
N ALA A 120 -11.56 47.46 12.14
CA ALA A 120 -12.27 47.28 10.89
C ALA A 120 -11.28 46.94 9.78
N GLY A 121 -11.59 45.91 9.00
CA GLY A 121 -10.75 45.53 7.88
C GLY A 121 -11.40 44.40 7.11
N LYS A 122 -10.86 44.15 5.93
CA LYS A 122 -11.33 43.09 5.06
C LYS A 122 -10.16 42.24 4.59
N ILE A 123 -10.38 40.93 4.53
CA ILE A 123 -9.37 39.97 4.09
C ILE A 123 -9.89 39.25 2.87
N ILE A 124 -9.08 39.23 1.81
CA ILE A 124 -9.42 38.57 0.56
C ILE A 124 -8.81 37.19 0.55
N VAL A 125 -9.62 36.17 0.26
CA VAL A 125 -9.16 34.80 0.10
C VAL A 125 -9.39 34.39 -1.34
N SER A 126 -8.31 34.05 -2.04
CA SER A 126 -8.37 33.67 -3.45
C SER A 126 -7.64 32.36 -3.63
N CYS A 127 -8.27 31.43 -4.35
CA CYS A 127 -7.66 30.13 -4.65
C CYS A 127 -6.97 30.24 -6.01
N ILE A 128 -5.79 30.85 -5.99
CA ILE A 128 -5.06 31.10 -7.24
C ILE A 128 -4.67 29.77 -7.87
N PRO A 129 -4.96 29.55 -9.16
CA PRO A 129 -4.46 28.34 -9.80
C PRO A 129 -2.95 28.35 -9.84
N PRO A 130 -2.32 27.17 -9.84
CA PRO A 130 -0.85 27.13 -9.78
C PRO A 130 -0.23 27.76 -11.01
N GLY A 131 0.95 28.35 -10.80
CA GLY A 131 1.71 28.99 -11.85
C GLY A 131 1.59 30.50 -11.91
N PHE A 132 0.58 31.07 -11.26
CA PHE A 132 0.38 32.51 -11.25
C PHE A 132 1.02 33.19 -10.03
N GLY A 133 1.64 32.42 -9.14
CA GLY A 133 2.27 33.00 -7.96
C GLY A 133 3.57 33.71 -8.29
N SER A 134 3.55 35.03 -8.19
CA SER A 134 4.74 35.85 -8.48
C SER A 134 4.44 37.27 -8.03
N HIS A 135 5.41 38.16 -8.26
CA HIS A 135 5.24 39.56 -7.87
C HIS A 135 4.10 40.23 -8.62
N ASN A 136 3.70 39.69 -9.77
CA ASN A 136 2.62 40.30 -10.54
C ASN A 136 1.29 40.30 -9.79
N LEU A 137 1.13 39.39 -8.83
CA LEU A 137 -0.12 39.33 -8.07
C LEU A 137 -0.33 40.62 -7.29
N THR A 138 -1.57 41.12 -7.35
CA THR A 138 -1.94 42.34 -6.65
C THR A 138 -3.35 42.19 -6.10
N ILE A 139 -3.73 43.12 -5.22
CA ILE A 139 -5.04 43.04 -4.56
C ILE A 139 -6.15 43.05 -5.60
N ALA A 140 -6.06 43.97 -6.57
CA ALA A 140 -7.11 44.08 -7.57
C ALA A 140 -7.23 42.81 -8.39
N GLN A 141 -6.09 42.21 -8.77
CA GLN A 141 -6.13 41.02 -9.59
C GLN A 141 -6.56 39.79 -8.81
N ALA A 142 -6.38 39.79 -7.49
CA ALA A 142 -6.71 38.61 -6.70
C ALA A 142 -8.19 38.26 -6.79
N THR A 143 -9.06 39.27 -6.73
CA THR A 143 -10.50 39.02 -6.72
C THR A 143 -10.98 38.37 -8.01
N LEU A 144 -10.20 38.44 -9.09
CA LEU A 144 -10.64 37.86 -10.35
C LEU A 144 -10.82 36.35 -10.23
N PHE A 145 -9.93 35.68 -9.51
CA PHE A 145 -10.09 34.27 -9.23
C PHE A 145 -11.24 34.06 -8.24
N PRO A 146 -11.75 32.84 -8.14
CA PRO A 146 -12.84 32.59 -7.18
C PRO A 146 -12.41 33.00 -5.78
N HIS A 147 -13.33 33.65 -5.07
CA HIS A 147 -12.99 34.28 -3.80
C HIS A 147 -14.27 34.51 -3.00
N VAL A 148 -14.09 34.80 -1.71
CA VAL A 148 -15.17 35.24 -0.84
C VAL A 148 -14.63 36.37 0.03
N ILE A 149 -15.39 37.46 0.13
CA ILE A 149 -14.99 38.59 0.94
C ILE A 149 -15.37 38.34 2.39
N ALA A 150 -14.47 38.69 3.31
CA ALA A 150 -14.67 38.46 4.73
C ALA A 150 -14.36 39.74 5.50
N ASP A 151 -15.05 39.91 6.62
CA ASP A 151 -14.86 41.04 7.51
C ASP A 151 -14.29 40.55 8.83
N VAL A 152 -13.26 41.23 9.33
CA VAL A 152 -12.62 40.81 10.57
C VAL A 152 -13.60 40.85 11.74
N ARG A 153 -14.62 41.70 11.65
CA ARG A 153 -15.60 41.83 12.73
C ARG A 153 -16.66 40.73 12.70
N THR A 154 -16.68 39.89 11.68
CA THR A 154 -17.71 38.86 11.58
C THR A 154 -17.56 37.87 12.73
N LEU A 155 -18.70 37.43 13.26
CA LEU A 155 -18.75 36.46 14.34
C LEU A 155 -19.18 35.07 13.86
N ASP A 156 -19.08 34.82 12.56
CA ASP A 156 -19.53 33.57 11.97
C ASP A 156 -18.43 33.01 11.07
N PRO A 157 -18.33 31.68 10.97
CA PRO A 157 -17.34 31.10 10.05
C PRO A 157 -17.60 31.51 8.61
N ILE A 158 -16.51 31.64 7.86
CA ILE A 158 -16.54 32.02 6.45
C ILE A 158 -16.16 30.79 5.64
N GLU A 159 -16.98 30.45 4.65
CA GLU A 159 -16.77 29.27 3.80
C GLU A 159 -16.36 29.73 2.41
N VAL A 160 -15.19 29.29 1.97
CA VAL A 160 -14.72 29.61 0.62
C VAL A 160 -15.52 28.77 -0.38
N PRO A 161 -15.93 29.34 -1.52
CA PRO A 161 -16.71 28.53 -2.49
C PRO A 161 -15.81 27.72 -3.43
N LEU A 162 -15.09 26.77 -2.86
CA LEU A 162 -14.20 25.90 -3.62
C LEU A 162 -14.99 24.71 -4.20
N GLU A 163 -15.97 25.05 -5.03
CA GLU A 163 -16.81 24.06 -5.69
C GLU A 163 -16.39 23.79 -7.13
N ASP A 164 -15.25 24.34 -7.56
CA ASP A 164 -14.78 24.17 -8.93
C ASP A 164 -14.18 22.79 -9.09
N VAL A 165 -15.07 21.79 -9.20
CA VAL A 165 -14.61 20.43 -9.43
C VAL A 165 -13.94 20.31 -10.79
N ARG A 166 -14.49 21.00 -11.79
CA ARG A 166 -13.94 21.06 -13.14
C ARG A 166 -13.45 19.69 -13.63
N ASN A 167 -14.15 18.62 -13.24
CA ASN A 167 -13.83 17.27 -13.68
C ASN A 167 -12.38 16.92 -13.29
N VAL A 168 -12.17 16.81 -11.99
CA VAL A 168 -10.87 16.51 -11.41
C VAL A 168 -10.24 15.35 -12.18
N LEU A 169 -8.96 15.50 -12.53
CA LEU A 169 -8.28 14.51 -13.37
C LEU A 169 -7.55 13.47 -12.53
N PHE A 170 -6.59 13.90 -11.72
CA PHE A 170 -5.80 13.00 -10.90
C PHE A 170 -4.89 13.82 -10.02
N HIS A 171 -4.45 13.23 -8.90
CA HIS A 171 -3.57 13.92 -7.96
C HIS A 171 -2.74 12.87 -7.24
N ASN A 172 -1.50 12.68 -7.69
CA ASN A 172 -0.58 11.80 -7.00
C ASN A 172 0.10 12.52 -5.85
N ASN A 173 0.37 11.79 -4.77
CA ASN A 173 0.97 12.39 -3.59
C ASN A 173 2.50 12.31 -3.64
N ASP A 174 3.08 12.72 -4.76
CA ASP A 174 4.52 12.87 -4.88
C ASP A 174 4.94 14.05 -5.73
N ARG A 175 4.01 14.87 -6.21
CA ARG A 175 4.32 15.97 -7.11
C ARG A 175 3.52 17.19 -6.71
N ASN A 176 4.02 18.36 -7.09
CA ASN A 176 3.35 19.63 -6.84
C ASN A 176 2.44 20.05 -7.97
N GLN A 177 2.28 19.23 -9.01
CA GLN A 177 1.45 19.59 -10.14
C GLN A 177 0.00 19.78 -9.71
N GLN A 178 -0.62 20.84 -10.22
CA GLN A 178 -2.04 21.10 -9.99
C GLN A 178 -2.38 21.12 -8.50
N THR A 179 -1.46 21.65 -7.70
CA THR A 179 -1.72 21.88 -6.26
C THR A 179 -2.36 23.26 -6.13
N MET A 180 -3.68 23.29 -6.29
CA MET A 180 -4.42 24.55 -6.28
C MET A 180 -4.29 25.21 -4.91
N ARG A 181 -3.50 26.27 -4.84
CA ARG A 181 -3.16 26.87 -3.57
C ARG A 181 -4.24 27.85 -3.11
N LEU A 182 -4.21 28.15 -1.81
CA LEU A 182 -5.08 29.14 -1.20
C LEU A 182 -4.21 30.24 -0.60
N VAL A 183 -4.50 31.49 -0.96
CA VAL A 183 -3.75 32.64 -0.48
C VAL A 183 -4.73 33.67 0.07
N CYS A 184 -4.41 34.21 1.23
CA CYS A 184 -5.21 35.24 1.87
C CYS A 184 -4.38 36.51 2.05
N MET A 185 -4.98 37.65 1.72
CA MET A 185 -4.30 38.93 1.78
C MET A 185 -5.21 39.96 2.46
N LEU A 186 -4.59 40.97 3.05
CA LEU A 186 -5.31 42.04 3.71
C LEU A 186 -5.93 42.94 2.66
N TYR A 187 -7.20 42.71 2.35
CA TYR A 187 -7.86 43.48 1.28
C TYR A 187 -7.93 44.96 1.63
N THR A 188 -8.25 45.28 2.89
CA THR A 188 -8.38 46.65 3.34
C THR A 188 -7.45 46.91 4.52
N PRO A 189 -6.81 48.08 4.58
CA PRO A 189 -5.91 48.35 5.70
C PRO A 189 -6.62 48.23 7.04
N LEU A 190 -5.91 47.70 8.03
CA LEU A 190 -6.47 47.47 9.36
C LEU A 190 -6.29 48.72 10.21
N ARG A 191 -7.38 49.22 10.78
CA ARG A 191 -7.35 50.39 11.64
C ARG A 191 -8.11 50.09 12.92
N THR A 192 -7.62 50.66 14.03
CA THR A 192 -8.19 50.43 15.34
C THR A 192 -9.22 51.48 15.73
N CYS A 193 -9.49 52.45 14.87
CA CYS A 193 -10.47 53.51 15.14
C CYS A 193 -10.13 54.27 16.41
N GLY A 194 -8.85 54.48 16.67
CA GLY A 194 -8.45 55.22 17.86
C GLY A 194 -8.92 54.58 19.15
N GLY A 195 -8.91 53.25 19.21
CA GLY A 195 -9.32 52.54 20.40
C GLY A 195 -8.14 52.10 21.24
N THR A 196 -6.98 52.74 21.02
CA THR A 196 -5.74 52.41 21.72
C THR A 196 -5.55 50.90 21.81
N GLY A 197 -5.90 50.19 20.75
CA GLY A 197 -5.74 48.75 20.71
C GLY A 197 -4.68 48.32 19.71
N ASP A 198 -3.63 49.13 19.58
CA ASP A 198 -2.56 48.81 18.64
C ASP A 198 -1.93 47.47 18.97
N SER A 199 -1.83 47.12 20.24
CA SER A 199 -1.28 45.84 20.65
C SER A 199 -2.34 44.76 20.62
N PHE A 200 -3.01 44.62 19.47
CA PHE A 200 -4.04 43.61 19.28
C PHE A 200 -3.81 42.90 17.95
N VAL A 201 -3.93 41.58 17.97
CA VAL A 201 -3.76 40.74 16.79
C VAL A 201 -5.03 39.93 16.60
N VAL A 202 -5.58 39.96 15.40
CA VAL A 202 -6.80 39.23 15.07
C VAL A 202 -6.41 37.78 14.81
N ALA A 203 -6.50 36.93 15.83
CA ALA A 203 -6.19 35.52 15.66
C ALA A 203 -7.17 34.87 14.70
N GLY A 204 -6.65 33.95 13.88
CA GLY A 204 -7.49 33.26 12.91
C GLY A 204 -7.09 31.81 12.73
N ARG A 205 -8.08 30.94 12.57
CA ARG A 205 -7.86 29.51 12.36
C ARG A 205 -8.70 29.04 11.19
N VAL A 206 -8.22 28.00 10.52
CA VAL A 206 -8.88 27.44 9.33
C VAL A 206 -9.15 25.97 9.56
N MET A 207 -10.38 25.56 9.32
CA MET A 207 -10.79 24.16 9.38
C MET A 207 -11.05 23.66 7.97
N THR A 208 -11.25 22.35 7.85
CA THR A 208 -11.55 21.74 6.57
C THR A 208 -12.22 20.39 6.80
N CYS A 209 -13.08 20.01 5.86
CA CYS A 209 -13.70 18.69 5.86
C CYS A 209 -13.64 18.15 4.44
N PRO A 210 -13.53 16.83 4.26
CA PRO A 210 -13.54 16.28 2.91
C PRO A 210 -14.91 16.42 2.26
N SER A 211 -14.89 16.56 0.93
CA SER A 211 -16.14 16.62 0.19
C SER A 211 -16.77 15.23 0.12
N PRO A 212 -18.10 15.15 -0.05
CA PRO A 212 -18.73 13.83 -0.20
C PRO A 212 -18.23 13.07 -1.42
N ASP A 213 -17.70 13.75 -2.44
CA ASP A 213 -17.19 13.10 -3.63
C ASP A 213 -15.75 12.64 -3.47
N PHE A 214 -15.11 12.90 -2.33
CA PHE A 214 -13.73 12.50 -2.14
C PHE A 214 -13.61 10.97 -2.17
N ASN A 215 -12.53 10.48 -2.78
CA ASN A 215 -12.32 9.04 -2.89
C ASN A 215 -10.85 8.80 -3.19
N PHE A 216 -10.42 7.56 -2.97
CA PHE A 216 -9.06 7.13 -3.24
C PHE A 216 -9.07 5.98 -4.24
N LEU A 217 -8.10 5.97 -5.14
CA LEU A 217 -8.07 5.02 -6.26
C LEU A 217 -7.22 3.79 -5.97
N PHE A 218 -5.93 3.98 -5.70
CA PHE A 218 -4.98 2.88 -5.61
C PHE A 218 -4.50 2.70 -4.18
N LEU A 219 -4.35 1.44 -3.78
CA LEU A 219 -3.89 1.09 -2.43
C LEU A 219 -2.38 0.96 -2.42
N VAL A 220 -1.76 1.39 -1.31
CA VAL A 220 -0.31 1.31 -1.13
C VAL A 220 -0.04 0.84 0.30
N PRO A 221 0.99 0.05 0.54
CA PRO A 221 1.30 -0.35 1.91
C PRO A 221 1.72 0.86 2.73
N PRO A 222 1.42 0.87 4.04
CA PRO A 222 1.87 1.98 4.88
C PRO A 222 3.38 2.09 4.91
N THR A 223 3.86 3.33 5.01
CA THR A 223 5.29 3.58 5.07
C THR A 223 5.79 3.53 6.51
N GLN B 48 -6.22 0.11 -35.85
CA GLN B 48 -7.22 -0.45 -36.74
C GLN B 48 -6.74 -1.79 -37.30
N VAL B 49 -5.52 -1.80 -37.83
CA VAL B 49 -4.91 -2.99 -38.41
C VAL B 49 -3.67 -3.31 -37.58
N ASN B 50 -3.59 -4.53 -37.08
CA ASN B 50 -2.46 -4.95 -36.26
C ASN B 50 -1.28 -5.28 -37.16
N PRO B 51 -0.13 -4.60 -37.04
CA PRO B 51 0.98 -4.89 -37.95
C PRO B 51 1.72 -6.19 -37.65
N ILE B 52 1.92 -6.49 -36.37
CA ILE B 52 2.72 -7.65 -36.00
C ILE B 52 2.02 -8.93 -36.47
N ASP B 53 2.80 -9.85 -36.99
CA ASP B 53 2.25 -11.11 -37.48
C ASP B 53 1.76 -11.96 -36.31
N PRO B 54 0.79 -12.85 -36.55
CA PRO B 54 0.26 -13.67 -35.44
C PRO B 54 1.26 -14.66 -34.88
N TRP B 55 2.35 -14.95 -35.60
CA TRP B 55 3.30 -15.94 -35.12
C TRP B 55 3.92 -15.52 -33.79
N ILE B 56 4.26 -14.24 -33.65
CA ILE B 56 4.87 -13.76 -32.42
C ILE B 56 3.90 -13.93 -31.25
N ILE B 57 2.61 -13.70 -31.51
CA ILE B 57 1.62 -13.81 -30.44
C ILE B 57 1.53 -15.25 -29.94
N ASN B 58 1.66 -16.22 -30.84
CA ASN B 58 1.47 -17.63 -30.50
C ASN B 58 2.67 -18.21 -29.76
N ASN B 59 3.80 -17.52 -29.70
CA ASN B 59 4.99 -18.01 -29.03
C ASN B 59 5.49 -16.97 -28.05
N PHE B 60 6.65 -17.25 -27.45
CA PHE B 60 7.28 -16.37 -26.48
C PHE B 60 8.75 -16.20 -26.82
N VAL B 61 9.29 -15.04 -26.44
CA VAL B 61 10.67 -14.68 -26.74
C VAL B 61 11.37 -14.31 -25.44
N GLN B 62 12.57 -14.84 -25.24
CA GLN B 62 13.36 -14.51 -24.06
C GLN B 62 13.87 -13.08 -24.15
N ALA B 63 13.51 -12.26 -23.15
CA ALA B 63 14.00 -10.89 -23.12
C ALA B 63 15.47 -10.87 -22.73
N PRO B 64 16.23 -9.89 -23.22
CA PRO B 64 17.66 -9.82 -22.86
C PRO B 64 17.84 -9.55 -21.38
N GLN B 65 18.93 -10.10 -20.83
CA GLN B 65 19.26 -9.93 -19.41
C GLN B 65 18.11 -10.41 -18.52
N GLY B 66 17.44 -11.47 -18.96
CA GLY B 66 16.34 -12.03 -18.20
C GLY B 66 16.74 -13.26 -17.40
N GLU B 67 18.04 -13.46 -17.23
CA GLU B 67 18.58 -14.61 -16.50
C GLU B 67 18.89 -14.21 -15.07
N PHE B 68 18.45 -15.04 -14.12
CA PHE B 68 18.71 -14.82 -12.71
C PHE B 68 19.15 -16.13 -12.08
N THR B 69 19.92 -16.03 -11.00
CA THR B 69 20.50 -17.18 -10.33
C THR B 69 20.08 -17.19 -8.87
N ILE B 70 19.73 -18.38 -8.38
CA ILE B 70 19.39 -18.60 -6.98
C ILE B 70 20.34 -19.64 -6.41
N SER B 71 20.97 -19.31 -5.29
CA SER B 71 21.94 -20.19 -4.66
C SER B 71 21.58 -20.40 -3.20
N PRO B 72 21.88 -21.58 -2.65
CA PRO B 72 21.58 -21.79 -1.22
C PRO B 72 22.30 -20.82 -0.30
N ASN B 73 23.53 -20.43 -0.66
CA ASN B 73 24.28 -19.49 0.17
C ASN B 73 23.70 -18.08 0.11
N ASN B 74 22.80 -17.79 -0.81
CA ASN B 74 22.18 -16.47 -0.91
C ASN B 74 21.09 -16.37 0.14
N THR B 75 21.35 -15.61 1.20
CA THR B 75 20.39 -15.48 2.28
C THR B 75 19.16 -14.71 1.81
N PRO B 76 17.99 -14.97 2.39
CA PRO B 76 16.78 -14.24 1.98
C PRO B 76 16.87 -12.78 2.39
N GLY B 77 16.74 -11.89 1.42
CA GLY B 77 16.83 -10.46 1.66
C GLY B 77 17.51 -9.71 0.54
N ASP B 78 18.10 -10.45 -0.41
CA ASP B 78 18.78 -9.86 -1.55
C ASP B 78 17.92 -10.04 -2.79
N VAL B 79 17.66 -8.93 -3.49
CA VAL B 79 16.83 -9.00 -4.70
C VAL B 79 17.57 -9.79 -5.77
N LEU B 80 16.79 -10.47 -6.62
CA LEU B 80 17.36 -11.29 -7.68
C LEU B 80 17.54 -10.49 -8.97
N PHE B 81 16.46 -9.88 -9.45
CA PHE B 81 16.51 -9.09 -10.68
C PHE B 81 15.42 -8.05 -10.66
N ASP B 82 15.72 -6.88 -11.23
CA ASP B 82 14.78 -5.78 -11.36
C ASP B 82 14.40 -5.64 -12.83
N LEU B 83 13.09 -5.57 -13.10
CA LEU B 83 12.57 -5.51 -14.46
C LEU B 83 11.58 -4.36 -14.58
N SER B 84 11.61 -3.68 -15.73
CA SER B 84 10.67 -2.62 -16.05
C SER B 84 9.99 -3.00 -17.37
N LEU B 85 8.68 -3.24 -17.31
CA LEU B 85 7.95 -3.67 -18.48
C LEU B 85 8.03 -2.61 -19.57
N GLY B 86 8.21 -3.06 -20.81
CA GLY B 86 8.27 -2.17 -21.95
C GLY B 86 8.55 -2.90 -23.24
N PRO B 87 8.45 -2.20 -24.37
CA PRO B 87 8.73 -2.85 -25.66
C PRO B 87 10.15 -3.37 -25.77
N HIS B 88 11.10 -2.78 -25.05
CA HIS B 88 12.49 -3.21 -25.14
C HIS B 88 12.68 -4.64 -24.67
N LEU B 89 11.72 -5.19 -23.91
CA LEU B 89 11.85 -6.57 -23.44
C LEU B 89 11.87 -7.54 -24.61
N ASN B 90 10.99 -7.33 -25.59
CA ASN B 90 10.94 -8.20 -26.76
C ASN B 90 11.82 -7.61 -27.86
N PRO B 91 12.84 -8.32 -28.35
CA PRO B 91 13.69 -7.75 -29.40
C PRO B 91 12.92 -7.35 -30.64
N PHE B 92 11.90 -8.11 -31.03
CA PHE B 92 11.10 -7.74 -32.20
C PHE B 92 10.40 -6.40 -31.98
N LEU B 93 9.80 -6.22 -30.80
CA LEU B 93 9.14 -4.94 -30.51
C LEU B 93 10.16 -3.82 -30.35
N LEU B 94 11.37 -4.14 -29.91
CA LEU B 94 12.41 -3.11 -29.78
C LEU B 94 12.71 -2.47 -31.13
N HIS B 95 12.81 -3.29 -32.18
CA HIS B 95 13.08 -2.77 -33.51
C HIS B 95 11.85 -2.11 -34.12
N LEU B 96 10.65 -2.43 -33.63
CA LEU B 96 9.44 -1.80 -34.12
C LEU B 96 9.20 -0.43 -33.50
N SER B 97 9.90 -0.09 -32.42
CA SER B 97 9.74 1.23 -31.81
C SER B 97 10.11 2.34 -32.79
N GLN B 98 11.03 2.07 -33.71
CA GLN B 98 11.41 3.09 -34.68
C GLN B 98 10.24 3.48 -35.57
N MET B 99 9.45 2.50 -36.00
CA MET B 99 8.31 2.78 -36.87
C MET B 99 7.12 3.37 -36.14
N TYR B 100 7.05 3.23 -34.82
CA TYR B 100 5.93 3.73 -34.02
C TYR B 100 6.47 4.29 -32.72
N ASN B 101 6.27 5.60 -32.52
CA ASN B 101 6.73 6.22 -31.28
C ASN B 101 5.84 5.85 -30.10
N GLY B 102 4.54 5.72 -30.34
CA GLY B 102 3.59 5.42 -29.29
C GLY B 102 3.12 3.98 -29.36
N TRP B 103 3.07 3.33 -28.21
CA TRP B 103 2.64 1.95 -28.09
C TRP B 103 1.61 1.83 -26.98
N VAL B 104 0.60 0.99 -27.20
CA VAL B 104 -0.46 0.76 -26.22
C VAL B 104 -0.66 -0.74 -26.07
N GLY B 105 -1.16 -1.14 -24.91
CA GLY B 105 -1.42 -2.53 -24.60
C GLY B 105 -0.53 -3.02 -23.46
N ASN B 106 -0.64 -4.31 -23.19
CA ASN B 106 0.12 -4.98 -22.14
C ASN B 106 0.88 -6.15 -22.75
N MET B 107 1.62 -6.86 -21.89
CA MET B 107 2.41 -8.01 -22.30
C MET B 107 2.28 -9.11 -21.26
N ARG B 108 2.08 -10.34 -21.72
CA ARG B 108 2.04 -11.49 -20.83
C ARG B 108 3.45 -11.95 -20.52
N VAL B 109 3.75 -12.10 -19.23
CA VAL B 109 5.07 -12.49 -18.75
C VAL B 109 4.96 -13.82 -18.05
N ARG B 110 5.79 -14.78 -18.47
CA ARG B 110 5.85 -16.10 -17.87
C ARG B 110 7.28 -16.39 -17.43
N ILE B 111 7.40 -17.09 -16.31
CA ILE B 111 8.70 -17.39 -15.70
C ILE B 111 8.86 -18.91 -15.63
N MET B 112 10.02 -19.39 -16.05
CA MET B 112 10.35 -20.81 -16.00
C MET B 112 11.46 -21.03 -14.98
N LEU B 113 11.21 -21.91 -14.02
CA LEU B 113 12.15 -22.21 -12.95
C LEU B 113 12.55 -23.67 -13.02
N ALA B 114 13.85 -23.94 -13.00
CA ALA B 114 14.39 -25.28 -13.14
C ALA B 114 14.96 -25.76 -11.81
N GLY B 115 14.54 -26.94 -11.39
CA GLY B 115 15.05 -27.52 -10.16
C GLY B 115 14.54 -28.93 -10.00
N CYS B 116 15.26 -29.70 -9.19
CA CYS B 116 14.90 -31.09 -8.94
C CYS B 116 13.79 -31.15 -7.87
N ALA B 117 13.46 -32.36 -7.45
CA ALA B 117 12.38 -32.58 -6.50
C ALA B 117 12.83 -32.54 -5.05
N PHE B 118 14.13 -32.38 -4.79
CA PHE B 118 14.63 -32.39 -3.42
C PHE B 118 14.64 -31.00 -2.79
N THR B 119 14.86 -29.97 -3.58
CA THR B 119 14.97 -28.62 -3.04
C THR B 119 13.64 -28.15 -2.46
N ALA B 120 13.73 -27.30 -1.44
CA ALA B 120 12.57 -26.70 -0.79
C ALA B 120 12.77 -25.19 -0.75
N GLY B 121 11.98 -24.46 -1.51
CA GLY B 121 12.08 -23.02 -1.54
C GLY B 121 10.87 -22.41 -2.21
N LYS B 122 10.64 -21.14 -1.90
CA LYS B 122 9.51 -20.39 -2.44
C LYS B 122 10.01 -19.06 -2.99
N ILE B 123 9.47 -18.67 -4.15
CA ILE B 123 9.81 -17.43 -4.81
C ILE B 123 8.54 -16.59 -4.93
N ILE B 124 8.63 -15.33 -4.51
CA ILE B 124 7.50 -14.40 -4.51
C ILE B 124 7.77 -13.31 -5.52
N VAL B 125 6.80 -13.05 -6.39
CA VAL B 125 6.88 -11.99 -7.38
C VAL B 125 6.01 -10.84 -6.88
N SER B 126 6.62 -9.68 -6.70
CA SER B 126 5.96 -8.52 -6.11
C SER B 126 5.78 -7.43 -7.16
N CYS B 127 4.65 -6.73 -7.09
CA CYS B 127 4.33 -5.63 -7.99
C CYS B 127 4.62 -4.32 -7.27
N ILE B 128 5.52 -3.52 -7.82
CA ILE B 128 5.93 -2.25 -7.23
C ILE B 128 5.25 -1.13 -8.02
N PRO B 129 4.31 -0.39 -7.43
CA PRO B 129 3.74 0.75 -8.14
C PRO B 129 4.82 1.78 -8.43
N PRO B 130 4.69 2.53 -9.53
CA PRO B 130 5.73 3.48 -9.90
C PRO B 130 5.94 4.54 -8.82
N GLY B 131 7.20 4.94 -8.64
CA GLY B 131 7.53 5.99 -7.70
C GLY B 131 7.68 5.54 -6.26
N PHE B 132 7.55 4.24 -5.98
CA PHE B 132 7.66 3.74 -4.61
C PHE B 132 8.93 2.95 -4.35
N GLY B 133 9.64 2.53 -5.38
CA GLY B 133 10.83 1.72 -5.21
C GLY B 133 11.86 2.38 -4.32
N SER B 134 12.36 1.64 -3.33
CA SER B 134 13.36 2.15 -2.40
C SER B 134 14.40 1.07 -2.15
N HIS B 135 15.59 1.50 -1.73
CA HIS B 135 16.67 0.55 -1.48
C HIS B 135 16.30 -0.41 -0.35
N ASN B 136 15.70 0.10 0.72
CA ASN B 136 15.32 -0.73 1.86
C ASN B 136 13.94 -1.33 1.60
N LEU B 137 13.94 -2.39 0.80
CA LEU B 137 12.72 -3.12 0.44
C LEU B 137 12.83 -4.53 1.00
N THR B 138 12.38 -4.70 2.24
CA THR B 138 12.48 -5.99 2.90
C THR B 138 11.39 -6.93 2.40
N ILE B 139 11.43 -8.18 2.86
CA ILE B 139 10.49 -9.18 2.38
C ILE B 139 9.18 -9.11 3.16
N ALA B 140 9.21 -8.61 4.40
CA ALA B 140 8.00 -8.60 5.21
C ALA B 140 6.89 -7.79 4.57
N GLN B 141 7.23 -6.61 4.05
CA GLN B 141 6.25 -5.74 3.41
C GLN B 141 6.17 -5.96 1.91
N ALA B 142 7.00 -6.85 1.35
CA ALA B 142 6.99 -7.08 -0.09
C ALA B 142 5.72 -7.78 -0.56
N THR B 143 5.02 -8.46 0.33
CA THR B 143 3.80 -9.19 -0.02
C THR B 143 2.55 -8.34 0.04
N LEU B 144 2.66 -7.08 0.47
CA LEU B 144 1.47 -6.22 0.53
C LEU B 144 0.88 -6.00 -0.85
N PHE B 145 1.72 -5.81 -1.86
CA PHE B 145 1.25 -5.63 -3.22
C PHE B 145 0.74 -6.96 -3.76
N PRO B 146 -0.10 -6.93 -4.80
CA PRO B 146 -0.54 -8.19 -5.41
C PRO B 146 0.66 -9.00 -5.89
N HIS B 147 0.59 -10.31 -5.68
CA HIS B 147 1.71 -11.20 -5.94
C HIS B 147 1.18 -12.57 -6.34
N VAL B 148 2.09 -13.50 -6.56
CA VAL B 148 1.75 -14.89 -6.88
C VAL B 148 2.70 -15.80 -6.12
N ILE B 149 2.14 -16.87 -5.56
CA ILE B 149 2.93 -17.81 -4.77
C ILE B 149 3.48 -18.89 -5.69
N ALA B 150 4.78 -19.16 -5.57
CA ALA B 150 5.44 -20.15 -6.40
C ALA B 150 6.49 -20.88 -5.58
N ASP B 151 6.84 -22.08 -6.03
CA ASP B 151 7.82 -22.92 -5.36
C ASP B 151 8.84 -23.42 -6.37
N VAL B 152 10.04 -23.74 -5.87
CA VAL B 152 11.12 -24.19 -6.73
C VAL B 152 10.90 -25.58 -7.29
N ARG B 153 9.92 -26.32 -6.78
CA ARG B 153 9.65 -27.67 -7.24
C ARG B 153 8.62 -27.71 -8.37
N THR B 154 8.15 -26.57 -8.84
CA THR B 154 7.18 -26.54 -9.93
C THR B 154 7.83 -27.05 -11.21
N LEU B 155 7.02 -27.68 -12.05
CA LEU B 155 7.46 -28.21 -13.33
C LEU B 155 6.92 -27.39 -14.51
N ASP B 156 5.61 -27.23 -14.59
CA ASP B 156 5.04 -26.42 -15.65
C ASP B 156 5.30 -24.94 -15.38
N PRO B 157 5.42 -24.13 -16.43
CA PRO B 157 5.65 -22.70 -16.22
C PRO B 157 4.45 -22.04 -15.54
N ILE B 158 4.74 -21.01 -14.75
CA ILE B 158 3.73 -20.27 -14.00
C ILE B 158 3.60 -18.89 -14.62
N GLU B 159 2.36 -18.49 -14.90
CA GLU B 159 2.08 -17.21 -15.53
C GLU B 159 1.77 -16.17 -14.45
N VAL B 160 2.60 -15.13 -14.38
CA VAL B 160 2.37 -14.07 -13.39
C VAL B 160 1.08 -13.33 -13.75
N PRO B 161 0.19 -13.06 -12.79
CA PRO B 161 -1.04 -12.31 -13.12
C PRO B 161 -0.72 -10.83 -13.29
N LEU B 162 -0.98 -10.30 -14.48
CA LEU B 162 -0.75 -8.90 -14.79
C LEU B 162 -2.07 -8.16 -14.85
N GLU B 163 -2.16 -7.06 -14.11
CA GLU B 163 -3.39 -6.26 -14.11
C GLU B 163 -3.64 -5.67 -15.49
N ASP B 164 -4.89 -5.75 -15.93
CA ASP B 164 -5.25 -5.22 -17.24
C ASP B 164 -5.21 -3.69 -17.23
N VAL B 165 -4.95 -3.13 -18.40
CA VAL B 165 -4.88 -1.68 -18.55
C VAL B 165 -4.93 -1.30 -20.03
N LEU B 169 -4.14 3.42 -22.22
CA LEU B 169 -3.42 4.70 -22.25
C LEU B 169 -2.15 4.58 -23.09
N PHE B 170 -2.09 5.33 -24.19
CA PHE B 170 -0.92 5.30 -25.06
C PHE B 170 0.28 5.90 -24.33
N HIS B 171 1.45 5.28 -24.54
CA HIS B 171 2.69 5.71 -23.94
C HIS B 171 3.71 5.97 -25.04
N ASN B 172 4.42 7.09 -24.93
CA ASN B 172 5.42 7.46 -25.92
C ASN B 172 6.70 6.64 -25.71
N ASN B 173 7.63 6.80 -26.64
CA ASN B 173 8.89 6.06 -26.60
C ASN B 173 9.91 6.67 -25.64
N ASP B 174 9.62 7.84 -25.07
CA ASP B 174 10.54 8.46 -24.14
C ASP B 174 10.62 7.64 -22.85
N ARG B 175 11.56 8.04 -21.99
CA ARG B 175 11.79 7.34 -20.72
C ARG B 175 10.78 7.84 -19.68
N ASN B 176 9.52 7.47 -19.91
CA ASN B 176 8.44 7.79 -18.98
C ASN B 176 8.43 6.75 -17.87
N GLN B 177 8.73 7.18 -16.64
CA GLN B 177 8.82 6.24 -15.53
C GLN B 177 7.49 5.59 -15.21
N GLN B 178 6.38 6.17 -15.64
CA GLN B 178 5.06 5.61 -15.35
C GLN B 178 4.87 4.35 -16.17
N THR B 179 5.09 3.20 -15.54
CA THR B 179 4.90 1.91 -16.18
C THR B 179 4.91 0.83 -15.11
N MET B 180 4.20 -0.26 -15.39
CA MET B 180 4.07 -1.35 -14.43
C MET B 180 5.41 -2.05 -14.24
N ARG B 181 5.98 -1.96 -13.04
CA ARG B 181 7.26 -2.57 -12.75
C ARG B 181 7.08 -3.94 -12.11
N LEU B 182 7.97 -4.86 -12.45
CA LEU B 182 7.95 -6.22 -11.92
C LEU B 182 9.26 -6.51 -11.21
N VAL B 183 9.17 -7.20 -10.08
CA VAL B 183 10.33 -7.59 -9.31
C VAL B 183 9.99 -8.84 -8.51
N CYS B 184 10.97 -9.74 -8.36
CA CYS B 184 10.82 -10.97 -7.61
C CYS B 184 11.78 -10.97 -6.44
N MET B 185 11.35 -11.60 -5.34
CA MET B 185 12.12 -11.64 -4.11
C MET B 185 12.22 -13.08 -3.62
N LEU B 186 13.37 -13.41 -3.02
CA LEU B 186 13.57 -14.74 -2.47
C LEU B 186 12.74 -14.91 -1.21
N TYR B 187 11.54 -15.47 -1.35
CA TYR B 187 10.63 -15.56 -0.22
C TYR B 187 11.19 -16.44 0.89
N THR B 188 11.76 -17.58 0.54
CA THR B 188 12.29 -18.52 1.51
C THR B 188 13.66 -19.02 1.07
N PRO B 189 14.51 -19.41 2.01
CA PRO B 189 15.83 -19.92 1.64
C PRO B 189 15.72 -21.21 0.86
N LEU B 190 16.69 -21.43 -0.04
CA LEU B 190 16.75 -22.65 -0.85
C LEU B 190 17.64 -23.65 -0.12
N ARG B 191 17.02 -24.66 0.48
CA ARG B 191 17.72 -25.68 1.25
C ARG B 191 17.60 -27.02 0.54
N THR B 192 18.74 -27.69 0.35
CA THR B 192 18.75 -29.00 -0.29
C THR B 192 18.59 -30.09 0.76
N CYS B 193 17.73 -31.07 0.46
CA CYS B 193 17.47 -32.20 1.34
C CYS B 193 18.08 -33.50 0.81
N GLY B 194 19.13 -33.42 -0.01
CA GLY B 194 19.71 -34.60 -0.60
C GLY B 194 21.04 -35.00 0.00
N GLY B 195 22.11 -34.84 -0.77
CA GLY B 195 23.43 -35.26 -0.34
C GLY B 195 24.38 -34.11 -0.09
N THR B 196 23.88 -33.05 0.53
CA THR B 196 24.70 -31.88 0.88
C THR B 196 25.35 -31.29 -0.37
N GLY B 197 24.50 -30.78 -1.26
CA GLY B 197 24.99 -30.10 -2.45
C GLY B 197 25.79 -28.87 -2.10
N ASP B 198 27.05 -28.82 -2.54
CA ASP B 198 27.90 -27.68 -2.22
C ASP B 198 27.29 -26.38 -2.72
N SER B 199 26.86 -26.37 -3.98
CA SER B 199 26.16 -25.21 -4.53
C SER B 199 25.31 -25.69 -5.69
N PHE B 200 24.01 -25.86 -5.44
CA PHE B 200 23.05 -26.24 -6.48
C PHE B 200 22.41 -24.96 -6.99
N VAL B 201 22.93 -24.47 -8.12
CA VAL B 201 22.47 -23.20 -8.68
C VAL B 201 21.16 -23.45 -9.41
N VAL B 202 20.08 -22.86 -8.91
CA VAL B 202 18.78 -22.94 -9.57
C VAL B 202 18.71 -21.82 -10.60
N ALA B 203 18.51 -22.18 -11.86
CA ALA B 203 18.50 -21.23 -12.96
C ALA B 203 17.07 -21.08 -13.49
N GLY B 204 16.65 -19.85 -13.67
CA GLY B 204 15.35 -19.56 -14.22
C GLY B 204 15.45 -18.52 -15.32
N ARG B 205 14.50 -18.59 -16.25
CA ARG B 205 14.48 -17.69 -17.41
C ARG B 205 13.11 -17.05 -17.52
N VAL B 206 13.10 -15.78 -17.93
CA VAL B 206 11.88 -15.00 -18.05
C VAL B 206 11.70 -14.62 -19.51
N MET B 207 10.51 -14.90 -20.05
CA MET B 207 10.19 -14.55 -21.42
C MET B 207 8.78 -13.97 -21.47
N THR B 208 8.60 -12.99 -22.35
CA THR B 208 7.31 -12.33 -22.52
C THR B 208 7.00 -12.20 -24.01
N CYS B 209 5.71 -12.21 -24.33
CA CYS B 209 5.24 -12.05 -25.69
C CYS B 209 4.15 -10.98 -25.72
N PRO B 210 3.99 -10.29 -26.85
CA PRO B 210 2.95 -9.26 -26.94
C PRO B 210 1.58 -9.85 -26.68
N SER B 211 0.76 -9.09 -25.95
CA SER B 211 -0.61 -9.52 -25.71
C SER B 211 -1.45 -9.35 -26.98
N PRO B 212 -2.56 -10.09 -27.08
CA PRO B 212 -3.40 -9.94 -28.27
C PRO B 212 -3.89 -8.52 -28.48
N ASP B 213 -4.13 -7.76 -27.41
CA ASP B 213 -4.56 -6.38 -27.54
C ASP B 213 -3.42 -5.41 -27.83
N PHE B 214 -2.17 -5.88 -27.76
CA PHE B 214 -1.04 -5.00 -28.03
C PHE B 214 -1.10 -4.48 -29.46
N ASN B 215 -0.91 -3.17 -29.61
CA ASN B 215 -0.98 -2.54 -30.92
C ASN B 215 -0.28 -1.19 -30.86
N PHE B 216 0.03 -0.66 -32.03
CA PHE B 216 0.62 0.67 -32.18
C PHE B 216 -0.37 1.58 -32.88
N LEU B 217 -0.53 2.79 -32.36
CA LEU B 217 -1.52 3.74 -32.85
C LEU B 217 -0.94 4.86 -33.69
N PHE B 218 0.22 5.40 -33.30
CA PHE B 218 0.86 6.50 -34.01
C PHE B 218 2.04 5.98 -34.81
N LEU B 219 2.09 6.35 -36.08
CA LEU B 219 3.16 5.93 -36.99
C LEU B 219 4.20 7.04 -37.09
N VAL B 220 5.47 6.67 -36.92
CA VAL B 220 6.58 7.61 -37.02
C VAL B 220 7.64 6.99 -37.92
N PRO B 221 8.21 7.74 -38.87
CA PRO B 221 9.23 7.15 -39.73
C PRO B 221 10.45 6.74 -38.92
N PRO B 222 11.17 5.70 -39.35
CA PRO B 222 12.34 5.27 -38.60
C PRO B 222 13.38 6.39 -38.48
N THR B 223 14.05 6.43 -37.33
CA THR B 223 15.06 7.43 -37.07
C THR B 223 16.45 6.90 -37.41
N GLN C 48 -22.07 0.27 9.96
CA GLN C 48 -22.82 0.01 8.73
C GLN C 48 -21.90 0.07 7.52
N VAL C 49 -21.11 1.14 7.45
CA VAL C 49 -20.16 1.31 6.36
C VAL C 49 -18.95 0.40 6.58
N ASN C 50 -18.24 0.08 5.50
CA ASN C 50 -17.08 -0.80 5.56
C ASN C 50 -15.84 -0.01 5.16
N PRO C 51 -15.09 0.57 6.11
CA PRO C 51 -13.91 1.35 5.72
C PRO C 51 -12.86 0.53 4.99
N ILE C 52 -12.70 -0.74 5.35
CA ILE C 52 -11.64 -1.56 4.76
C ILE C 52 -11.96 -1.83 3.29
N ASP C 53 -10.96 -1.67 2.43
CA ASP C 53 -11.16 -1.90 1.01
C ASP C 53 -11.45 -3.38 0.76
N PRO C 54 -12.31 -3.71 -0.21
CA PRO C 54 -12.58 -5.12 -0.51
C PRO C 54 -11.35 -5.89 -0.98
N TRP C 55 -10.32 -5.20 -1.49
CA TRP C 55 -9.12 -5.89 -1.95
C TRP C 55 -8.50 -6.72 -0.84
N ILE C 56 -8.60 -6.26 0.42
CA ILE C 56 -8.06 -7.02 1.53
C ILE C 56 -8.88 -8.28 1.76
N ILE C 57 -10.20 -8.20 1.57
CA ILE C 57 -11.08 -9.31 1.88
C ILE C 57 -10.74 -10.53 1.01
N ASN C 58 -10.50 -10.30 -0.27
CA ASN C 58 -10.29 -11.39 -1.22
C ASN C 58 -8.83 -11.78 -1.39
N ASN C 59 -7.93 -11.19 -0.62
CA ASN C 59 -6.50 -11.48 -0.74
C ASN C 59 -5.88 -11.63 0.64
N PHE C 60 -4.77 -12.36 0.70
CA PHE C 60 -4.04 -12.61 1.92
C PHE C 60 -2.76 -11.78 1.96
N VAL C 61 -2.22 -11.61 3.17
CA VAL C 61 -1.00 -10.85 3.37
C VAL C 61 -0.31 -11.34 4.63
N GLN C 62 1.02 -11.43 4.57
CA GLN C 62 1.78 -11.90 5.72
C GLN C 62 1.68 -10.90 6.88
N ALA C 63 1.80 -11.43 8.10
CA ALA C 63 1.72 -10.63 9.30
C ALA C 63 3.09 -10.53 9.98
N PRO C 64 3.37 -9.44 10.69
CA PRO C 64 4.65 -9.32 11.38
C PRO C 64 4.76 -10.30 12.53
N GLN C 65 6.01 -10.64 12.86
CA GLN C 65 6.31 -11.61 13.91
C GLN C 65 5.77 -12.99 13.60
N GLY C 66 5.46 -13.25 12.33
CA GLY C 66 4.92 -14.53 11.92
C GLY C 66 5.96 -15.46 11.34
N GLU C 67 7.23 -15.17 11.60
CA GLU C 67 8.33 -15.99 11.10
C GLU C 67 8.65 -17.07 12.13
N PHE C 68 8.57 -18.33 11.71
CA PHE C 68 8.87 -19.46 12.58
C PHE C 68 9.56 -20.54 11.77
N THR C 69 10.65 -21.08 12.32
CA THR C 69 11.43 -22.13 11.67
C THR C 69 11.39 -23.38 12.53
N ILE C 70 11.08 -24.52 11.92
CA ILE C 70 11.01 -25.79 12.65
C ILE C 70 12.41 -26.38 12.58
N SER C 71 13.26 -25.94 13.50
CA SER C 71 14.63 -26.43 13.55
C SER C 71 14.64 -27.89 14.02
N PRO C 72 15.53 -28.72 13.48
CA PRO C 72 15.60 -30.12 13.95
C PRO C 72 15.91 -30.23 15.43
N ASN C 73 16.69 -29.30 15.98
CA ASN C 73 17.08 -29.33 17.39
C ASN C 73 16.01 -28.63 18.24
N ASN C 74 14.79 -29.13 18.14
CA ASN C 74 13.66 -28.62 18.89
C ASN C 74 12.94 -29.78 19.55
N THR C 75 12.73 -29.69 20.86
CA THR C 75 12.04 -30.76 21.57
C THR C 75 10.57 -30.80 21.15
N PRO C 76 9.96 -31.99 21.11
CA PRO C 76 8.54 -32.07 20.76
C PRO C 76 7.68 -31.31 21.74
N GLY C 77 6.65 -30.66 21.23
CA GLY C 77 5.72 -29.91 22.05
C GLY C 77 6.18 -28.51 22.39
N ASP C 78 7.37 -28.10 21.98
CA ASP C 78 7.85 -26.76 22.28
C ASP C 78 7.04 -25.72 21.52
N VAL C 79 6.83 -24.57 22.16
CA VAL C 79 6.08 -23.48 21.53
C VAL C 79 6.98 -22.77 20.55
N LEU C 80 6.49 -22.57 19.32
CA LEU C 80 7.25 -21.90 18.28
C LEU C 80 6.43 -20.86 17.51
N PHE C 81 5.12 -20.79 17.72
CA PHE C 81 4.28 -19.86 16.97
C PHE C 81 3.05 -19.55 17.84
N ASP C 82 3.06 -18.38 18.48
CA ASP C 82 1.98 -17.94 19.35
C ASP C 82 1.49 -16.59 18.88
N LEU C 83 0.20 -16.49 18.58
CA LEU C 83 -0.43 -15.25 18.14
C LEU C 83 -1.63 -14.96 19.03
N SER C 84 -1.93 -13.67 19.20
CA SER C 84 -3.06 -13.24 20.00
C SER C 84 -4.37 -13.17 19.23
N LEU C 85 -4.33 -13.36 17.91
CA LEU C 85 -5.52 -13.32 17.07
C LEU C 85 -6.24 -11.98 17.23
N GLY C 86 -5.55 -10.93 16.80
CA GLY C 86 -6.09 -9.59 16.86
C GLY C 86 -5.97 -8.88 15.52
N PRO C 87 -6.60 -7.72 15.39
CA PRO C 87 -6.52 -6.98 14.12
C PRO C 87 -5.11 -6.54 13.77
N HIS C 88 -4.21 -6.46 14.75
CA HIS C 88 -2.85 -6.01 14.48
C HIS C 88 -2.07 -6.98 13.61
N LEU C 89 -2.55 -8.22 13.43
CA LEU C 89 -1.81 -9.18 12.61
C LEU C 89 -1.70 -8.71 11.17
N ASN C 90 -2.82 -8.35 10.56
CA ASN C 90 -2.79 -7.88 9.18
C ASN C 90 -2.21 -6.47 9.14
N PRO C 91 -1.19 -6.22 8.29
CA PRO C 91 -0.59 -4.87 8.30
C PRO C 91 -1.59 -3.75 8.05
N PHE C 92 -2.54 -3.94 7.14
CA PHE C 92 -3.54 -2.91 6.90
C PHE C 92 -4.44 -2.73 8.12
N LEU C 93 -4.88 -3.83 8.73
CA LEU C 93 -5.76 -3.72 9.90
C LEU C 93 -5.04 -3.04 11.06
N LEU C 94 -3.77 -3.35 11.26
CA LEU C 94 -2.99 -2.64 12.28
C LEU C 94 -3.05 -1.14 12.06
N HIS C 95 -3.10 -0.72 10.80
CA HIS C 95 -3.22 0.71 10.50
C HIS C 95 -4.53 1.28 11.03
N LEU C 96 -5.62 0.53 10.89
CA LEU C 96 -6.91 1.03 11.36
C LEU C 96 -6.90 1.22 12.87
N SER C 97 -6.32 0.27 13.61
CA SER C 97 -6.31 0.37 15.05
C SER C 97 -5.68 1.67 15.54
N GLN C 98 -4.73 2.21 14.77
CA GLN C 98 -4.15 3.49 15.13
C GLN C 98 -5.19 4.59 15.12
N MET C 99 -6.09 4.59 14.13
CA MET C 99 -7.13 5.59 14.01
C MET C 99 -8.38 5.20 14.80
N TYR C 100 -8.97 4.05 14.46
CA TYR C 100 -10.20 3.60 15.09
C TYR C 100 -9.90 2.85 16.39
N ASN C 101 -10.95 2.61 17.17
CA ASN C 101 -10.82 1.96 18.47
C ASN C 101 -11.54 0.63 18.53
N GLY C 102 -12.83 0.59 18.20
CA GLY C 102 -13.60 -0.63 18.30
C GLY C 102 -13.57 -1.45 17.02
N TRP C 103 -13.36 -2.75 17.18
CA TRP C 103 -13.31 -3.67 16.05
C TRP C 103 -14.14 -4.91 16.38
N VAL C 104 -14.86 -5.41 15.37
CA VAL C 104 -15.69 -6.60 15.51
C VAL C 104 -15.54 -7.43 14.25
N GLY C 105 -15.46 -8.75 14.43
CA GLY C 105 -15.36 -9.68 13.34
C GLY C 105 -14.31 -10.73 13.61
N ASN C 106 -13.91 -11.44 12.56
CA ASN C 106 -12.92 -12.49 12.66
C ASN C 106 -12.16 -12.60 11.35
N MET C 107 -10.98 -13.22 11.42
CA MET C 107 -10.10 -13.41 10.28
C MET C 107 -9.98 -14.90 9.97
N ARG C 108 -9.25 -15.21 8.91
CA ARG C 108 -8.99 -16.60 8.48
C ARG C 108 -7.48 -16.76 8.37
N VAL C 109 -6.88 -17.40 9.36
CA VAL C 109 -5.43 -17.57 9.43
C VAL C 109 -5.02 -18.69 8.49
N ARG C 110 -4.01 -18.43 7.66
CA ARG C 110 -3.45 -19.41 6.73
C ARG C 110 -1.97 -19.55 6.99
N ILE C 111 -1.47 -20.79 6.94
CA ILE C 111 -0.09 -21.11 7.25
C ILE C 111 0.53 -21.83 6.06
N MET C 112 1.73 -21.41 5.67
CA MET C 112 2.48 -22.04 4.61
C MET C 112 3.70 -22.75 5.20
N LEU C 113 3.95 -23.97 4.72
CA LEU C 113 5.08 -24.78 5.15
C LEU C 113 5.93 -25.16 3.96
N ALA C 114 7.26 -25.06 4.13
CA ALA C 114 8.21 -25.44 3.10
C ALA C 114 8.73 -26.84 3.41
N GLY C 115 8.32 -27.81 2.60
CA GLY C 115 8.67 -29.20 2.83
C GLY C 115 9.36 -29.85 1.66
N CYS C 116 10.42 -30.62 1.94
CA CYS C 116 11.11 -31.36 0.89
C CYS C 116 10.34 -32.61 0.46
N ALA C 117 9.24 -32.92 1.12
CA ALA C 117 8.47 -34.13 0.85
C ALA C 117 9.21 -35.35 1.36
N PHE C 118 10.28 -35.13 2.13
CA PHE C 118 11.07 -36.21 2.71
C PHE C 118 11.05 -36.20 4.23
N THR C 119 11.34 -35.06 4.85
CA THR C 119 11.35 -34.97 6.30
C THR C 119 9.95 -35.24 6.85
N ALA C 120 9.88 -35.98 7.95
CA ALA C 120 8.62 -36.34 8.59
C ALA C 120 8.44 -35.51 9.84
N GLY C 121 7.28 -34.87 9.96
CA GLY C 121 6.98 -34.06 11.13
C GLY C 121 5.54 -33.60 11.09
N LYS C 122 5.05 -33.23 12.27
CA LYS C 122 3.68 -32.76 12.43
C LYS C 122 3.66 -31.56 13.36
N ILE C 123 2.67 -30.69 13.15
CA ILE C 123 2.47 -29.51 13.97
C ILE C 123 1.03 -29.52 14.49
N ILE C 124 0.86 -29.15 15.76
CA ILE C 124 -0.44 -29.14 16.41
C ILE C 124 -0.82 -27.68 16.66
N VAL C 125 -2.00 -27.29 16.19
CA VAL C 125 -2.52 -25.94 16.36
C VAL C 125 -3.80 -26.02 17.18
N SER C 126 -3.86 -25.27 18.26
CA SER C 126 -5.02 -25.25 19.16
C SER C 126 -5.30 -23.82 19.58
N CYS C 127 -6.49 -23.33 19.24
CA CYS C 127 -6.90 -21.97 19.61
C CYS C 127 -7.56 -22.03 20.98
N ILE C 128 -6.74 -21.94 22.02
CA ILE C 128 -7.22 -22.05 23.40
C ILE C 128 -8.09 -20.84 23.73
N PRO C 129 -9.11 -20.98 24.57
CA PRO C 129 -9.89 -19.81 24.99
C PRO C 129 -9.06 -18.90 25.87
N PRO C 130 -9.43 -17.63 25.99
CA PRO C 130 -8.64 -16.70 26.80
C PRO C 130 -8.63 -17.09 28.27
N GLY C 131 -7.54 -16.75 28.93
CA GLY C 131 -7.40 -17.02 30.36
C GLY C 131 -6.74 -18.34 30.71
N PHE C 132 -7.16 -19.43 30.05
CA PHE C 132 -6.60 -20.73 30.36
C PHE C 132 -5.12 -20.80 30.02
N GLY C 133 -4.70 -20.13 28.95
CA GLY C 133 -3.33 -20.16 28.50
C GLY C 133 -2.35 -19.73 29.58
N SER C 134 -1.29 -20.51 29.75
CA SER C 134 -0.27 -20.22 30.75
C SER C 134 0.97 -21.06 30.45
N HIS C 135 2.02 -20.88 31.26
CA HIS C 135 3.23 -21.65 31.07
C HIS C 135 2.98 -23.14 31.27
N ASN C 136 2.18 -23.50 32.27
CA ASN C 136 1.87 -24.90 32.55
C ASN C 136 0.79 -25.36 31.58
N LEU C 137 1.24 -25.79 30.40
CA LEU C 137 0.34 -26.25 29.35
C LEU C 137 1.07 -27.35 28.57
N THR C 138 0.80 -28.60 28.92
CA THR C 138 1.44 -29.71 28.24
C THR C 138 0.80 -29.95 26.88
N ILE C 139 1.49 -30.74 26.06
CA ILE C 139 1.02 -31.00 24.70
C ILE C 139 -0.32 -31.73 24.73
N ALA C 140 -0.48 -32.67 25.66
CA ALA C 140 -1.72 -33.43 25.73
C ALA C 140 -2.91 -32.54 26.03
N GLN C 141 -2.74 -31.58 26.94
CA GLN C 141 -3.86 -30.72 27.33
C GLN C 141 -4.34 -29.89 26.14
N ALA C 142 -3.42 -29.38 25.33
CA ALA C 142 -3.81 -28.59 24.16
C ALA C 142 -4.67 -29.39 23.20
N THR C 143 -4.47 -30.72 23.15
CA THR C 143 -5.27 -31.55 22.27
C THR C 143 -6.75 -31.53 22.64
N LEU C 144 -7.07 -31.17 23.88
CA LEU C 144 -8.47 -31.14 24.29
C LEU C 144 -9.26 -30.11 23.48
N PHE C 145 -8.69 -28.93 23.27
CA PHE C 145 -9.36 -27.89 22.53
C PHE C 145 -9.39 -28.21 21.04
N PRO C 146 -10.26 -27.56 20.27
CA PRO C 146 -10.33 -27.84 18.84
C PRO C 146 -8.97 -27.63 18.18
N HIS C 147 -8.62 -28.55 17.28
CA HIS C 147 -7.29 -28.54 16.68
C HIS C 147 -7.34 -29.31 15.36
N VAL C 148 -6.28 -29.13 14.57
CA VAL C 148 -6.10 -29.87 13.33
C VAL C 148 -4.65 -30.37 13.29
N ILE C 149 -4.45 -31.45 12.55
CA ILE C 149 -3.14 -32.07 12.40
C ILE C 149 -2.64 -31.82 10.99
N ALA C 150 -1.42 -31.30 10.87
CA ALA C 150 -0.83 -30.96 9.59
C ALA C 150 0.54 -31.62 9.47
N ASP C 151 0.91 -31.95 8.24
CA ASP C 151 2.20 -32.54 7.94
C ASP C 151 3.12 -31.49 7.33
N VAL C 152 4.39 -31.51 7.73
CA VAL C 152 5.36 -30.55 7.22
C VAL C 152 5.55 -30.71 5.72
N ARG C 153 5.17 -31.84 5.15
CA ARG C 153 5.32 -32.10 3.73
C ARG C 153 4.07 -31.74 2.92
N THR C 154 3.07 -31.13 3.56
CA THR C 154 1.83 -30.80 2.86
C THR C 154 2.05 -29.60 1.94
N LEU C 155 1.80 -29.80 0.65
CA LEU C 155 1.94 -28.70 -0.31
C LEU C 155 0.83 -27.67 -0.14
N ASP C 156 -0.41 -28.13 -0.01
CA ASP C 156 -1.54 -27.23 0.14
C ASP C 156 -1.54 -26.62 1.55
N PRO C 157 -1.51 -25.30 1.70
CA PRO C 157 -1.52 -24.72 3.04
C PRO C 157 -2.79 -25.11 3.80
N ILE C 158 -2.63 -25.30 5.11
CA ILE C 158 -3.73 -25.71 5.97
C ILE C 158 -4.52 -24.49 6.39
N GLU C 159 -5.85 -24.58 6.31
CA GLU C 159 -6.75 -23.51 6.74
C GLU C 159 -7.18 -23.82 8.17
N VAL C 160 -6.65 -23.06 9.11
CA VAL C 160 -6.96 -23.29 10.52
C VAL C 160 -8.43 -22.99 10.78
N PRO C 161 -9.21 -23.92 11.33
CA PRO C 161 -10.62 -23.61 11.60
C PRO C 161 -10.75 -22.69 12.81
N LEU C 162 -11.52 -21.62 12.63
CA LEU C 162 -11.75 -20.63 13.67
C LEU C 162 -13.25 -20.47 13.90
N GLU C 163 -13.66 -20.53 15.16
CA GLU C 163 -15.08 -20.39 15.48
C GLU C 163 -15.56 -18.97 15.17
N ASP C 164 -16.77 -18.88 14.64
CA ASP C 164 -17.35 -17.58 14.32
C ASP C 164 -17.60 -16.78 15.59
N VAL C 165 -17.28 -15.50 15.53
CA VAL C 165 -17.44 -14.61 16.68
C VAL C 165 -18.50 -13.56 16.36
N ASN C 176 -11.52 -4.38 22.33
CA ASN C 176 -11.67 -5.69 22.95
C ASN C 176 -10.40 -6.09 23.69
N GLN C 177 -10.56 -6.83 24.78
CA GLN C 177 -9.44 -7.27 25.59
C GLN C 177 -9.62 -8.73 25.95
N GLN C 178 -8.50 -9.40 26.27
CA GLN C 178 -8.51 -10.82 26.59
C GLN C 178 -9.16 -11.62 25.46
N THR C 179 -8.73 -11.35 24.24
CA THR C 179 -9.32 -11.97 23.06
C THR C 179 -8.88 -13.43 22.94
N MET C 180 -9.59 -14.16 22.09
CA MET C 180 -9.29 -15.57 21.86
C MET C 180 -7.87 -15.72 21.32
N ARG C 181 -7.13 -16.67 21.88
CA ARG C 181 -5.72 -16.86 21.55
C ARG C 181 -5.54 -18.02 20.58
N LEU C 182 -4.31 -18.16 20.08
CA LEU C 182 -3.95 -19.23 19.17
C LEU C 182 -2.48 -19.55 19.34
N VAL C 183 -2.19 -20.83 19.58
CA VAL C 183 -0.82 -21.29 19.80
C VAL C 183 -0.57 -22.54 18.96
N CYS C 184 0.70 -22.78 18.65
CA CYS C 184 1.12 -23.94 17.88
C CYS C 184 2.38 -24.52 18.50
N MET C 185 2.48 -25.85 18.45
CA MET C 185 3.64 -26.56 18.98
C MET C 185 4.03 -27.68 18.04
N LEU C 186 5.28 -28.13 18.17
CA LEU C 186 5.80 -29.22 17.35
C LEU C 186 5.21 -30.53 17.83
N TYR C 187 4.15 -30.99 17.16
CA TYR C 187 3.48 -32.22 17.58
C TYR C 187 4.42 -33.41 17.48
N THR C 188 5.19 -33.51 16.39
CA THR C 188 6.10 -34.61 16.16
C THR C 188 7.48 -34.07 15.80
N PRO C 189 8.54 -34.62 16.37
CA PRO C 189 9.89 -34.14 16.02
C PRO C 189 10.18 -34.32 14.54
N LEU C 190 10.94 -33.37 13.99
CA LEU C 190 11.29 -33.37 12.58
C LEU C 190 12.65 -34.04 12.39
N ARG C 191 12.70 -35.00 11.46
CA ARG C 191 13.93 -35.71 11.13
C ARG C 191 14.08 -35.77 9.62
N THR C 192 15.35 -35.71 9.17
CA THR C 192 15.62 -35.72 7.73
C THR C 192 15.17 -37.02 7.09
N CYS C 193 15.45 -38.15 7.74
CA CYS C 193 15.16 -39.47 7.19
C CYS C 193 15.87 -39.67 5.85
N GLY C 194 17.19 -39.65 5.90
CA GLY C 194 18.04 -39.84 4.73
C GLY C 194 18.73 -38.59 4.23
N GLY C 195 18.46 -37.42 4.82
CA GLY C 195 19.13 -36.21 4.40
C GLY C 195 20.55 -36.05 4.91
N THR C 196 20.95 -36.87 5.88
CA THR C 196 22.29 -36.84 6.45
C THR C 196 22.81 -35.42 6.66
N GLY C 197 21.93 -34.53 7.10
CA GLY C 197 22.33 -33.15 7.36
C GLY C 197 21.48 -32.49 8.43
N ASP C 198 22.12 -31.95 9.46
CA ASP C 198 21.41 -31.27 10.54
C ASP C 198 21.23 -29.79 10.29
N SER C 199 21.80 -29.25 9.22
CA SER C 199 21.66 -27.83 8.92
C SER C 199 20.35 -27.48 8.23
N PHE C 200 19.61 -28.47 7.74
CA PHE C 200 18.35 -28.20 7.07
C PHE C 200 17.30 -27.72 8.06
N VAL C 201 16.53 -26.71 7.65
CA VAL C 201 15.44 -26.17 8.46
C VAL C 201 14.23 -25.98 7.55
N VAL C 202 13.06 -25.92 8.17
CA VAL C 202 11.80 -25.74 7.47
C VAL C 202 11.30 -24.33 7.73
N ALA C 203 11.18 -23.54 6.67
CA ALA C 203 10.69 -22.17 6.79
C ALA C 203 9.18 -22.17 6.94
N GLY C 204 8.68 -21.23 7.75
CA GLY C 204 7.26 -21.12 7.97
C GLY C 204 6.77 -19.68 7.92
N ARG C 205 5.75 -19.43 7.09
CA ARG C 205 5.18 -18.11 6.92
C ARG C 205 3.68 -18.17 7.15
N VAL C 206 3.14 -17.10 7.73
CA VAL C 206 1.72 -17.02 8.08
C VAL C 206 1.16 -15.72 7.52
N MET C 207 -0.04 -15.81 6.94
CA MET C 207 -0.77 -14.64 6.45
C MET C 207 -2.22 -14.75 6.88
N THR C 208 -2.78 -13.65 7.39
CA THR C 208 -4.15 -13.60 7.88
C THR C 208 -4.97 -12.70 6.98
N CYS C 209 -6.11 -13.20 6.52
CA CYS C 209 -7.02 -12.45 5.66
C CYS C 209 -8.32 -12.20 6.40
N PRO C 210 -8.73 -10.95 6.62
CA PRO C 210 -9.98 -10.72 7.37
C PRO C 210 -11.17 -11.32 6.66
N SER C 211 -12.11 -11.84 7.45
CA SER C 211 -13.34 -12.40 6.90
C SER C 211 -14.23 -11.29 6.38
N PRO C 212 -15.19 -11.62 5.51
CA PRO C 212 -16.07 -10.58 4.96
C PRO C 212 -17.18 -10.16 5.92
N ASP C 213 -16.82 -9.97 7.19
CA ASP C 213 -17.75 -9.44 8.18
C ASP C 213 -17.08 -8.46 9.13
N PHE C 214 -15.82 -8.11 8.91
CA PHE C 214 -15.09 -7.27 9.85
C PHE C 214 -15.51 -5.81 9.69
N ASN C 215 -15.58 -5.09 10.81
CA ASN C 215 -15.96 -3.68 10.78
C ASN C 215 -15.54 -3.04 12.11
N PHE C 216 -15.65 -1.71 12.15
CA PHE C 216 -15.30 -0.93 13.32
C PHE C 216 -16.51 -0.15 13.80
N LEU C 217 -16.44 0.31 15.05
CA LEU C 217 -17.55 1.02 15.67
C LEU C 217 -17.18 2.44 16.09
N PHE C 218 -16.10 2.62 16.83
CA PHE C 218 -15.78 3.91 17.44
C PHE C 218 -14.81 4.70 16.57
N LEU C 219 -14.76 6.00 16.82
CA LEU C 219 -13.89 6.93 16.10
C LEU C 219 -12.95 7.59 17.09
N VAL C 220 -11.65 7.62 16.75
CA VAL C 220 -10.64 8.24 17.61
C VAL C 220 -9.60 8.92 16.74
N PRO C 221 -9.03 10.01 17.24
CA PRO C 221 -7.94 10.65 16.51
C PRO C 221 -6.77 9.70 16.35
N PRO C 222 -6.01 9.82 15.26
CA PRO C 222 -4.84 8.94 15.08
C PRO C 222 -3.85 9.11 16.22
N THR C 223 -3.22 8.00 16.59
CA THR C 223 -2.22 8.01 17.67
C THR C 223 -1.21 6.89 17.47
#